data_1K2V
#
_entry.id   1K2V
#
_cell.length_a   85.57
_cell.length_b   85.57
_cell.length_c   91.6
_cell.angle_alpha   90
_cell.angle_beta   90
_cell.angle_gamma   120
#
_symmetry.space_group_name_H-M   'P 63'
#
loop_
_entity.id
_entity.type
_entity.pdbx_description
1 polymer 'Ferrichrome-binding periplasmic protein'
2 non-polymer 'DEFEROXAMINE MESYLATE FE(III) COMPLEX'
3 water water
#
_entity_poly.entity_id   1
_entity_poly.type   'polypeptide(L)'
_entity_poly.pdbx_seq_one_letter_code
;AAIDPNRIVALEWLPVELLLALGIVPYGVADTINYRLWVSEPPLPDSVIDVGLRTEPNLELLTEMKPSFMVWSAGYGPSP
EMLARIAPGRGFNFSDGKQPLAMARKSLTEMADLLNLQSAAETHLAQYEDFIRSMKPRFVKRGARPLLLTTLIDPRHMLV
FGPNSLFQEILDEYGIPNAWQGETNFWGSTAVSIDRLAAYKDVDVLCFDHDNSKDMDALMATPLWQAMPFVRAGRFQRVP
AVWFYGATLSAMHFVRVLDNAIGGKA
;
_entity_poly.pdbx_strand_id   N
#
# COMPACT_ATOMS: atom_id res chain seq x y z
N ALA A 2 3.68 23.78 -5.37
CA ALA A 2 3.09 23.23 -6.63
C ALA A 2 1.80 23.94 -6.96
N ILE A 3 1.91 25.26 -7.08
CA ILE A 3 0.80 26.15 -7.36
C ILE A 3 -0.46 25.56 -8.00
N ASP A 4 -0.46 25.36 -9.32
CA ASP A 4 -1.65 24.85 -9.97
C ASP A 4 -2.04 23.45 -9.52
N PRO A 5 -3.09 23.34 -8.70
CA PRO A 5 -3.58 22.07 -8.16
C PRO A 5 -4.15 21.12 -9.21
N ASN A 6 -4.31 21.60 -10.43
CA ASN A 6 -4.84 20.74 -11.49
C ASN A 6 -3.77 20.29 -12.48
N ARG A 7 -2.52 20.66 -12.23
CA ARG A 7 -1.44 20.25 -13.11
C ARG A 7 -0.33 19.52 -12.34
N ILE A 8 -0.74 18.73 -11.36
CA ILE A 8 0.19 17.97 -10.53
C ILE A 8 0.32 16.54 -11.08
N VAL A 9 1.56 16.11 -11.34
CA VAL A 9 1.81 14.77 -11.84
C VAL A 9 2.39 13.91 -10.71
N ALA A 10 1.79 12.77 -10.45
CA ALA A 10 2.25 11.86 -9.40
C ALA A 10 2.99 10.69 -10.06
N LEU A 11 4.29 10.60 -9.80
CA LEU A 11 5.12 9.55 -10.39
C LEU A 11 5.18 8.24 -9.59
N GLU A 12 4.50 8.20 -8.45
CA GLU A 12 4.49 6.98 -7.65
C GLU A 12 3.13 6.91 -6.99
N TRP A 13 2.69 5.71 -6.61
CA TRP A 13 1.37 5.55 -6.03
C TRP A 13 1.13 6.08 -4.63
N LEU A 14 2.19 6.22 -3.82
CA LEU A 14 1.99 6.76 -2.48
C LEU A 14 1.47 8.20 -2.61
N PRO A 15 2.19 9.08 -3.33
CA PRO A 15 1.69 10.46 -3.46
C PRO A 15 0.35 10.58 -4.21
N VAL A 16 -0.01 9.57 -5.00
CA VAL A 16 -1.29 9.60 -5.69
C VAL A 16 -2.31 9.57 -4.57
N GLU A 17 -2.09 8.64 -3.66
CA GLU A 17 -2.98 8.48 -2.51
C GLU A 17 -3.03 9.76 -1.65
N LEU A 18 -1.89 10.42 -1.51
CA LEU A 18 -1.85 11.66 -0.73
C LEU A 18 -2.69 12.72 -1.44
N LEU A 19 -2.56 12.80 -2.75
CA LEU A 19 -3.32 13.79 -3.52
C LEU A 19 -4.81 13.53 -3.44
N LEU A 20 -5.19 12.27 -3.65
CA LEU A 20 -6.59 11.88 -3.60
C LEU A 20 -7.24 12.11 -2.25
N ALA A 21 -6.51 11.84 -1.17
CA ALA A 21 -7.08 12.03 0.15
C ALA A 21 -7.39 13.51 0.36
N LEU A 22 -6.69 14.38 -0.37
CA LEU A 22 -6.90 15.82 -0.25
C LEU A 22 -7.87 16.38 -1.30
N GLY A 23 -8.52 15.49 -2.06
CA GLY A 23 -9.46 15.95 -3.07
C GLY A 23 -8.84 16.39 -4.37
N ILE A 24 -7.54 16.14 -4.55
CA ILE A 24 -6.87 16.54 -5.78
C ILE A 24 -6.95 15.46 -6.86
N VAL A 25 -7.30 15.86 -8.07
CA VAL A 25 -7.35 14.92 -9.18
C VAL A 25 -6.02 15.07 -9.89
N PRO A 26 -5.18 14.03 -9.86
CA PRO A 26 -3.87 14.10 -10.51
C PRO A 26 -3.96 14.34 -12.01
N TYR A 27 -3.20 15.33 -12.48
CA TYR A 27 -3.12 15.69 -13.88
C TYR A 27 -2.52 14.49 -14.61
N GLY A 28 -1.56 13.84 -13.97
CA GLY A 28 -0.92 12.67 -14.55
C GLY A 28 -0.54 11.66 -13.47
N VAL A 29 -0.59 10.38 -13.80
CA VAL A 29 -0.21 9.35 -12.85
C VAL A 29 0.59 8.26 -13.55
N ALA A 30 1.70 7.87 -12.92
CA ALA A 30 2.57 6.85 -13.47
C ALA A 30 1.95 5.47 -13.30
N ASP A 31 1.84 4.76 -14.41
CA ASP A 31 1.30 3.41 -14.43
C ASP A 31 -0.11 3.29 -13.86
N THR A 32 -1.07 3.90 -14.54
CA THR A 32 -2.46 3.86 -14.11
C THR A 32 -2.99 2.43 -14.17
N ILE A 33 -2.50 1.67 -15.15
CA ILE A 33 -2.94 0.29 -15.32
C ILE A 33 -2.66 -0.55 -14.08
N ASN A 34 -1.41 -0.62 -13.66
CA ASN A 34 -1.09 -1.40 -12.48
C ASN A 34 -1.66 -0.78 -11.21
N TYR A 35 -1.87 0.52 -11.23
CA TYR A 35 -2.45 1.19 -10.06
C TYR A 35 -3.79 0.53 -9.77
N ARG A 36 -4.50 0.18 -10.84
CA ARG A 36 -5.80 -0.45 -10.71
C ARG A 36 -5.70 -1.89 -10.20
N LEU A 37 -4.63 -2.58 -10.54
CA LEU A 37 -4.46 -3.97 -10.12
C LEU A 37 -3.93 -4.12 -8.69
N TRP A 38 -3.07 -3.21 -8.25
CA TRP A 38 -2.50 -3.31 -6.91
C TRP A 38 -3.06 -2.37 -5.85
N VAL A 39 -3.46 -1.16 -6.27
CA VAL A 39 -4.01 -0.19 -5.32
C VAL A 39 -5.53 -0.30 -5.36
N SER A 40 -6.09 -0.22 -6.56
CA SER A 40 -7.53 -0.35 -6.78
C SER A 40 -8.51 0.59 -6.07
N GLU A 41 -8.73 0.37 -4.77
CA GLU A 41 -9.69 1.12 -3.98
C GLU A 41 -9.87 2.58 -4.38
N PRO A 42 -8.86 3.43 -4.13
CA PRO A 42 -9.08 4.83 -4.55
C PRO A 42 -9.01 4.84 -6.08
N PRO A 43 -10.16 4.75 -6.76
CA PRO A 43 -10.11 4.74 -8.23
C PRO A 43 -9.61 6.04 -8.84
N LEU A 44 -8.96 5.92 -9.99
CA LEU A 44 -8.46 7.09 -10.69
C LEU A 44 -9.38 7.39 -11.86
N PRO A 45 -9.82 8.65 -11.98
CA PRO A 45 -10.71 9.00 -13.08
C PRO A 45 -10.03 8.75 -14.43
N ASP A 46 -10.84 8.51 -15.45
CA ASP A 46 -10.33 8.25 -16.80
C ASP A 46 -9.51 9.39 -17.35
N SER A 47 -9.83 10.62 -16.94
CA SER A 47 -9.13 11.81 -17.41
C SER A 47 -7.64 11.83 -17.09
N VAL A 48 -7.24 11.09 -16.05
CA VAL A 48 -5.85 11.06 -15.65
C VAL A 48 -4.95 10.57 -16.76
N ILE A 49 -3.89 11.32 -17.02
CA ILE A 49 -2.93 10.96 -18.06
C ILE A 49 -1.93 9.96 -17.48
N ASP A 50 -1.70 8.86 -18.19
CA ASP A 50 -0.74 7.86 -17.75
C ASP A 50 0.62 8.29 -18.25
N VAL A 51 1.54 8.58 -17.33
CA VAL A 51 2.86 9.03 -17.73
C VAL A 51 3.92 7.92 -17.80
N GLY A 52 3.49 6.67 -17.88
CA GLY A 52 4.43 5.56 -17.96
C GLY A 52 4.73 4.88 -16.64
N LEU A 53 5.60 3.86 -16.68
CA LEU A 53 5.97 3.13 -15.46
C LEU A 53 6.65 4.04 -14.45
N ARG A 54 6.37 3.80 -13.17
CA ARG A 54 6.96 4.62 -12.11
C ARG A 54 8.48 4.64 -12.15
N THR A 55 9.08 3.53 -12.55
CA THR A 55 10.53 3.43 -12.63
C THR A 55 11.09 3.96 -13.95
N GLU A 56 10.22 4.15 -14.94
CA GLU A 56 10.65 4.65 -16.23
C GLU A 56 9.55 5.53 -16.83
N PRO A 57 9.28 6.68 -16.21
CA PRO A 57 8.23 7.56 -16.73
C PRO A 57 8.59 8.15 -18.08
N ASN A 58 7.57 8.44 -18.88
CA ASN A 58 7.75 9.02 -20.20
C ASN A 58 8.25 10.46 -20.04
N LEU A 59 9.56 10.63 -20.01
CA LEU A 59 10.16 11.95 -19.83
C LEU A 59 9.78 12.97 -20.89
N GLU A 60 9.57 12.52 -22.12
CA GLU A 60 9.16 13.43 -23.19
C GLU A 60 7.75 13.93 -22.90
N LEU A 61 6.87 12.99 -22.53
CA LEU A 61 5.49 13.32 -22.22
C LEU A 61 5.47 14.35 -21.10
N LEU A 62 6.20 14.07 -20.02
CA LEU A 62 6.25 14.99 -18.89
C LEU A 62 6.67 16.39 -19.33
N THR A 63 7.71 16.47 -20.14
CA THR A 63 8.19 17.75 -20.62
C THR A 63 7.11 18.48 -21.42
N GLU A 64 6.45 17.76 -22.34
CA GLU A 64 5.40 18.37 -23.14
C GLU A 64 4.24 18.83 -22.25
N MET A 65 3.89 17.99 -21.28
CA MET A 65 2.79 18.30 -20.35
C MET A 65 2.99 19.57 -19.54
N LYS A 66 4.25 19.93 -19.27
CA LYS A 66 4.54 21.12 -18.47
C LYS A 66 3.78 21.01 -17.14
N PRO A 67 4.15 20.02 -16.30
CA PRO A 67 3.46 19.87 -15.02
C PRO A 67 3.77 21.07 -14.14
N SER A 68 2.81 21.48 -13.32
CA SER A 68 3.05 22.60 -12.42
C SER A 68 3.94 22.09 -11.29
N PHE A 69 3.75 20.82 -10.95
CA PHE A 69 4.49 20.20 -9.87
C PHE A 69 4.43 18.69 -10.03
N MET A 70 5.49 18.00 -9.61
CA MET A 70 5.51 16.55 -9.68
C MET A 70 5.81 15.99 -8.30
N VAL A 71 5.14 14.89 -7.95
CA VAL A 71 5.37 14.28 -6.64
C VAL A 71 5.71 12.81 -6.82
N TRP A 72 6.65 12.35 -6.00
CA TRP A 72 7.10 10.97 -6.09
C TRP A 72 7.45 10.46 -4.70
N SER A 73 7.94 9.23 -4.64
CA SER A 73 8.31 8.62 -3.37
C SER A 73 9.82 8.62 -3.20
N ALA A 74 10.26 9.09 -2.04
CA ALA A 74 11.68 9.16 -1.73
C ALA A 74 12.35 7.80 -1.87
N GLY A 75 13.53 7.78 -2.49
CA GLY A 75 14.27 6.55 -2.66
C GLY A 75 13.67 5.54 -3.62
N TYR A 76 12.70 5.98 -4.41
CA TYR A 76 12.06 5.09 -5.37
C TYR A 76 11.95 5.77 -6.73
N GLY A 77 12.12 4.99 -7.80
CA GLY A 77 12.00 5.55 -9.14
C GLY A 77 13.16 6.41 -9.58
N PRO A 78 12.93 7.31 -10.55
CA PRO A 78 13.93 8.22 -11.11
C PRO A 78 14.68 9.12 -10.12
N SER A 79 15.82 9.62 -10.56
CA SER A 79 16.64 10.51 -9.76
C SER A 79 15.88 11.82 -9.51
N PRO A 80 15.73 12.22 -8.22
CA PRO A 80 15.03 13.46 -7.91
C PRO A 80 15.73 14.66 -8.54
N GLU A 81 17.03 14.54 -8.73
CA GLU A 81 17.82 15.61 -9.34
C GLU A 81 17.35 15.80 -10.78
N MET A 82 17.27 14.69 -11.52
CA MET A 82 16.83 14.72 -12.90
C MET A 82 15.39 15.20 -12.99
N LEU A 83 14.52 14.63 -12.15
CA LEU A 83 13.11 15.00 -12.13
C LEU A 83 12.92 16.50 -11.93
N ALA A 84 13.59 17.05 -10.92
CA ALA A 84 13.48 18.47 -10.61
C ALA A 84 13.85 19.34 -11.80
N ARG A 85 14.54 18.77 -12.78
CA ARG A 85 14.94 19.51 -13.96
C ARG A 85 13.76 19.65 -14.91
N ILE A 86 12.83 18.70 -14.85
CA ILE A 86 11.64 18.72 -15.70
C ILE A 86 10.65 19.77 -15.22
N ALA A 87 10.26 19.68 -13.95
CA ALA A 87 9.33 20.62 -13.37
C ALA A 87 9.55 20.62 -11.88
N PRO A 88 8.99 21.60 -11.16
CA PRO A 88 9.18 21.61 -9.71
C PRO A 88 8.60 20.32 -9.15
N GLY A 89 9.17 19.82 -8.05
CA GLY A 89 8.67 18.59 -7.48
C GLY A 89 9.02 18.39 -6.02
N ARG A 90 8.55 17.28 -5.47
CA ARG A 90 8.81 16.93 -4.08
C ARG A 90 8.67 15.42 -3.93
N GLY A 91 9.63 14.80 -3.25
CA GLY A 91 9.56 13.37 -3.01
C GLY A 91 8.95 13.20 -1.64
N PHE A 92 8.17 12.14 -1.42
CA PHE A 92 7.56 11.91 -0.13
C PHE A 92 8.05 10.59 0.45
N ASN A 93 8.28 10.58 1.77
CA ASN A 93 8.75 9.38 2.45
C ASN A 93 7.61 8.45 2.79
N PHE A 94 7.83 7.16 2.57
CA PHE A 94 6.83 6.16 2.89
C PHE A 94 6.86 5.86 4.39
N SER A 95 8.07 5.88 4.94
CA SER A 95 8.26 5.56 6.35
C SER A 95 9.59 6.07 6.87
N ASP A 96 9.83 5.86 8.14
CA ASP A 96 11.09 6.24 8.77
C ASP A 96 11.79 4.91 8.98
N GLY A 97 11.21 3.86 8.41
CA GLY A 97 11.77 2.52 8.53
C GLY A 97 11.11 1.70 9.62
N LYS A 98 10.22 2.32 10.38
CA LYS A 98 9.55 1.64 11.47
C LYS A 98 8.04 1.80 11.48
N GLN A 99 7.58 3.04 11.36
CA GLN A 99 6.16 3.33 11.38
C GLN A 99 5.68 4.08 10.15
N PRO A 100 5.31 3.32 9.10
CA PRO A 100 4.82 3.92 7.85
C PRO A 100 3.62 4.83 8.05
N LEU A 101 2.67 4.40 8.87
CA LEU A 101 1.45 5.17 9.13
C LEU A 101 1.71 6.51 9.79
N ALA A 102 2.69 6.55 10.70
CA ALA A 102 3.02 7.80 11.36
C ALA A 102 3.50 8.74 10.25
N MET A 103 4.35 8.21 9.37
CA MET A 103 4.86 9.01 8.26
C MET A 103 3.75 9.44 7.32
N ALA A 104 2.81 8.55 7.05
CA ALA A 104 1.70 8.87 6.16
C ALA A 104 1.00 10.13 6.63
N ARG A 105 0.74 10.21 7.94
CA ARG A 105 0.08 11.38 8.50
C ARG A 105 0.91 12.62 8.27
N LYS A 106 2.22 12.51 8.44
CA LYS A 106 3.11 13.64 8.22
C LYS A 106 3.10 14.01 6.73
N SER A 107 3.20 13.01 5.87
CA SER A 107 3.20 13.23 4.44
C SER A 107 1.95 13.97 3.98
N LEU A 108 0.79 13.54 4.46
CA LEU A 108 -0.46 14.18 4.07
C LEU A 108 -0.43 15.66 4.48
N THR A 109 0.00 15.90 5.72
CA THR A 109 0.10 17.25 6.25
C THR A 109 0.99 18.11 5.37
N GLU A 110 2.15 17.54 5.04
CA GLU A 110 3.14 18.19 4.19
C GLU A 110 2.54 18.52 2.83
N MET A 111 1.91 17.52 2.21
CA MET A 111 1.29 17.72 0.91
C MET A 111 0.24 18.83 1.03
N ALA A 112 -0.56 18.77 2.08
CA ALA A 112 -1.59 19.77 2.29
C ALA A 112 -1.01 21.18 2.40
N ASP A 113 0.11 21.33 3.10
CA ASP A 113 0.71 22.65 3.24
C ASP A 113 1.19 23.19 1.89
N LEU A 114 1.82 22.32 1.11
CA LEU A 114 2.30 22.72 -0.21
C LEU A 114 1.16 23.24 -1.07
N LEU A 115 -0.01 22.62 -0.94
CA LEU A 115 -1.17 22.99 -1.74
C LEU A 115 -2.18 23.84 -0.99
N ASN A 116 -1.82 24.29 0.20
CA ASN A 116 -2.71 25.08 1.03
C ASN A 116 -4.09 24.42 1.15
N LEU A 117 -4.09 23.14 1.49
CA LEU A 117 -5.32 22.39 1.69
C LEU A 117 -5.25 21.87 3.14
N GLN A 118 -4.73 22.70 4.03
CA GLN A 118 -4.58 22.34 5.44
C GLN A 118 -5.85 21.79 6.07
N SER A 119 -6.98 22.45 5.82
CA SER A 119 -8.26 22.02 6.39
C SER A 119 -8.65 20.64 5.87
N ALA A 120 -8.51 20.44 4.57
CA ALA A 120 -8.86 19.17 3.97
C ALA A 120 -8.04 18.04 4.59
N ALA A 121 -6.77 18.32 4.88
CA ALA A 121 -5.91 17.31 5.49
C ALA A 121 -6.45 16.92 6.86
N GLU A 122 -6.78 17.93 7.66
CA GLU A 122 -7.27 17.68 9.01
C GLU A 122 -8.60 16.90 9.00
N THR A 123 -9.47 17.23 8.06
CA THR A 123 -10.74 16.53 7.95
C THR A 123 -10.49 15.07 7.60
N HIS A 124 -9.53 14.82 6.71
CA HIS A 124 -9.23 13.46 6.32
C HIS A 124 -8.62 12.67 7.49
N LEU A 125 -7.64 13.26 8.14
CA LEU A 125 -6.96 12.62 9.26
C LEU A 125 -7.96 12.27 10.36
N ALA A 126 -8.94 13.15 10.59
CA ALA A 126 -9.96 12.93 11.59
C ALA A 126 -10.80 11.72 11.19
N GLN A 127 -11.18 11.64 9.91
CA GLN A 127 -11.96 10.52 9.43
C GLN A 127 -11.16 9.23 9.55
N TYR A 128 -9.86 9.34 9.31
CA TYR A 128 -8.99 8.18 9.40
C TYR A 128 -8.97 7.60 10.82
N GLU A 129 -8.58 8.42 11.79
CA GLU A 129 -8.50 7.93 13.16
C GLU A 129 -9.84 7.46 13.71
N ASP A 130 -10.93 8.12 13.32
CA ASP A 130 -12.24 7.72 13.78
C ASP A 130 -12.60 6.35 13.21
N PHE A 131 -12.33 6.16 11.93
CA PHE A 131 -12.65 4.89 11.27
C PHE A 131 -11.88 3.75 11.93
N ILE A 132 -10.56 3.91 12.06
CA ILE A 132 -9.74 2.90 12.68
C ILE A 132 -10.29 2.49 14.05
N ARG A 133 -10.51 3.49 14.91
CA ARG A 133 -11.02 3.23 16.25
C ARG A 133 -12.39 2.58 16.25
N SER A 134 -13.28 3.05 15.36
CA SER A 134 -14.63 2.50 15.32
C SER A 134 -14.67 1.01 14.98
N MET A 135 -13.66 0.53 14.26
CA MET A 135 -13.61 -0.86 13.84
C MET A 135 -13.03 -1.82 14.86
N LYS A 136 -12.43 -1.26 15.91
CA LYS A 136 -11.82 -2.05 16.97
C LYS A 136 -12.70 -3.20 17.47
N PRO A 137 -13.98 -2.92 17.75
CA PRO A 137 -14.91 -3.96 18.23
C PRO A 137 -15.09 -5.18 17.32
N ARG A 138 -14.76 -5.02 16.04
CA ARG A 138 -14.91 -6.11 15.09
C ARG A 138 -13.84 -7.20 15.27
N PHE A 139 -12.86 -6.93 16.12
CA PHE A 139 -11.79 -7.89 16.35
C PHE A 139 -11.60 -8.22 17.82
N VAL A 140 -12.62 -7.92 18.63
CA VAL A 140 -12.56 -8.19 20.06
C VAL A 140 -12.72 -9.68 20.33
N LYS A 141 -13.71 -10.28 19.68
CA LYS A 141 -13.94 -11.70 19.84
C LYS A 141 -12.74 -12.53 19.47
N ARG A 142 -11.93 -12.01 18.56
CA ARG A 142 -10.73 -12.71 18.13
C ARG A 142 -9.76 -12.80 19.30
N GLY A 143 -8.97 -13.87 19.34
CA GLY A 143 -8.03 -14.04 20.43
C GLY A 143 -6.64 -13.53 20.14
N ALA A 144 -5.63 -14.27 20.62
CA ALA A 144 -4.24 -13.89 20.42
C ALA A 144 -3.61 -14.65 19.27
N ARG A 145 -4.42 -15.33 18.46
CA ARG A 145 -3.85 -16.08 17.35
C ARG A 145 -3.17 -15.10 16.40
N PRO A 146 -1.88 -15.36 16.08
CA PRO A 146 -1.17 -14.45 15.18
C PRO A 146 -1.73 -14.45 13.76
N LEU A 147 -1.50 -13.36 13.04
CA LEU A 147 -1.95 -13.21 11.67
C LEU A 147 -0.77 -13.03 10.74
N LEU A 148 -0.82 -13.71 9.59
CA LEU A 148 0.25 -13.60 8.63
C LEU A 148 -0.30 -12.90 7.39
N LEU A 149 0.27 -11.74 7.05
CA LEU A 149 -0.15 -10.98 5.88
C LEU A 149 0.83 -11.26 4.75
N THR A 150 0.30 -11.65 3.60
CA THR A 150 1.14 -12.00 2.48
C THR A 150 0.53 -11.66 1.13
N THR A 151 1.31 -11.87 0.09
CA THR A 151 0.88 -11.69 -1.28
C THR A 151 1.87 -12.50 -2.10
N LEU A 152 1.38 -13.18 -3.12
CA LEU A 152 2.21 -14.01 -3.96
C LEU A 152 2.96 -13.19 -5.02
N ILE A 153 4.28 -13.24 -4.98
CA ILE A 153 5.10 -12.54 -5.97
C ILE A 153 5.07 -13.41 -7.23
N ASP A 154 5.34 -14.69 -7.04
CA ASP A 154 5.33 -15.69 -8.10
C ASP A 154 5.19 -17.03 -7.38
N PRO A 155 4.89 -18.11 -8.11
CA PRO A 155 4.74 -19.42 -7.47
C PRO A 155 5.82 -19.81 -6.45
N ARG A 156 7.05 -19.34 -6.64
CA ARG A 156 8.15 -19.68 -5.74
C ARG A 156 8.44 -18.65 -4.65
N HIS A 157 7.72 -17.54 -4.63
CA HIS A 157 7.99 -16.50 -3.63
C HIS A 157 6.77 -15.83 -3.05
N MET A 158 6.68 -15.84 -1.72
CA MET A 158 5.60 -15.17 -1.03
C MET A 158 6.17 -13.95 -0.34
N LEU A 159 5.52 -12.81 -0.55
CA LEU A 159 5.95 -11.59 0.11
C LEU A 159 5.21 -11.60 1.43
N VAL A 160 5.90 -11.29 2.52
CA VAL A 160 5.26 -11.25 3.82
C VAL A 160 5.51 -9.87 4.41
N PHE A 161 4.54 -9.36 5.16
CA PHE A 161 4.69 -8.03 5.74
C PHE A 161 4.96 -8.08 7.24
N GLY A 162 6.14 -7.60 7.63
CA GLY A 162 6.54 -7.63 9.02
C GLY A 162 6.09 -6.49 9.92
N PRO A 163 6.77 -6.34 11.07
CA PRO A 163 6.48 -5.31 12.09
C PRO A 163 6.59 -3.86 11.63
N ASN A 164 7.37 -3.59 10.59
CA ASN A 164 7.50 -2.20 10.12
C ASN A 164 6.72 -1.97 8.83
N SER A 165 5.76 -2.86 8.56
CA SER A 165 4.93 -2.71 7.38
C SER A 165 3.83 -1.73 7.72
N LEU A 166 3.15 -1.26 6.68
CA LEU A 166 2.05 -0.31 6.81
C LEU A 166 0.97 -0.88 7.72
N PHE A 167 0.74 -2.19 7.61
CA PHE A 167 -0.29 -2.88 8.38
C PHE A 167 -0.07 -3.06 9.88
N GLN A 168 1.18 -3.12 10.32
CA GLN A 168 1.46 -3.35 11.73
C GLN A 168 0.70 -2.46 12.71
N GLU A 169 0.75 -1.16 12.50
CA GLU A 169 0.06 -0.24 13.41
C GLU A 169 -1.40 -0.63 13.56
N ILE A 170 -2.03 -1.03 12.47
CA ILE A 170 -3.44 -1.42 12.52
C ILE A 170 -3.58 -2.67 13.37
N LEU A 171 -2.71 -3.65 13.15
CA LEU A 171 -2.73 -4.89 13.91
C LEU A 171 -2.54 -4.58 15.39
N ASP A 172 -1.67 -3.63 15.69
CA ASP A 172 -1.42 -3.25 17.07
C ASP A 172 -2.63 -2.65 17.77
N GLU A 173 -3.40 -1.84 17.04
CA GLU A 173 -4.56 -1.21 17.64
C GLU A 173 -5.66 -2.24 17.89
N TYR A 174 -5.68 -3.29 17.08
CA TYR A 174 -6.71 -4.32 17.23
C TYR A 174 -6.25 -5.54 18.03
N GLY A 175 -5.06 -5.48 18.60
CA GLY A 175 -4.56 -6.58 19.39
C GLY A 175 -4.30 -7.86 18.62
N ILE A 176 -3.94 -7.72 17.34
CA ILE A 176 -3.65 -8.87 16.50
C ILE A 176 -2.14 -9.01 16.35
N PRO A 177 -1.56 -10.09 16.88
CA PRO A 177 -0.11 -10.26 16.76
C PRO A 177 0.25 -10.54 15.30
N ASN A 178 1.38 -10.02 14.86
CA ASN A 178 1.84 -10.27 13.50
C ASN A 178 2.70 -11.53 13.56
N ALA A 179 2.27 -12.55 12.83
CA ALA A 179 2.98 -13.81 12.81
C ALA A 179 4.41 -13.63 12.27
N TRP A 180 4.62 -12.66 11.41
CA TRP A 180 5.96 -12.47 10.88
C TRP A 180 6.80 -11.50 11.70
N GLN A 181 7.83 -12.06 12.35
CA GLN A 181 8.74 -11.29 13.18
C GLN A 181 10.15 -11.38 12.62
N GLY A 182 10.26 -11.91 11.40
CA GLY A 182 11.56 -12.02 10.77
C GLY A 182 12.02 -10.71 10.17
N GLU A 183 13.04 -10.78 9.32
CA GLU A 183 13.59 -9.59 8.70
C GLU A 183 12.61 -8.97 7.69
N THR A 184 12.83 -7.71 7.39
CA THR A 184 12.00 -6.98 6.43
C THR A 184 12.87 -5.92 5.78
N ASN A 185 12.43 -5.41 4.65
CA ASN A 185 13.15 -4.34 3.97
C ASN A 185 12.57 -3.07 4.58
N PHE A 186 13.04 -1.93 4.11
CA PHE A 186 12.59 -0.62 4.59
C PHE A 186 11.09 -0.46 4.47
N TRP A 187 10.53 -0.99 3.38
CA TRP A 187 9.11 -0.88 3.12
C TRP A 187 8.24 -1.81 3.96
N GLY A 188 8.87 -2.61 4.81
CA GLY A 188 8.12 -3.50 5.68
C GLY A 188 7.80 -4.89 5.18
N SER A 189 8.49 -5.31 4.11
CA SER A 189 8.22 -6.65 3.57
C SER A 189 9.49 -7.40 3.25
N THR A 190 9.33 -8.67 2.92
CA THR A 190 10.44 -9.53 2.56
C THR A 190 9.86 -10.71 1.78
N ALA A 191 10.60 -11.18 0.80
CA ALA A 191 10.14 -12.29 -0.04
C ALA A 191 10.72 -13.57 0.53
N VAL A 192 9.87 -14.56 0.78
CA VAL A 192 10.32 -15.83 1.32
C VAL A 192 9.87 -16.98 0.44
N SER A 193 10.62 -18.08 0.50
CA SER A 193 10.26 -19.27 -0.27
C SER A 193 9.04 -19.85 0.41
N ILE A 194 8.21 -20.55 -0.37
CA ILE A 194 6.98 -21.12 0.17
C ILE A 194 7.17 -22.01 1.39
N ASP A 195 8.25 -22.79 1.39
CA ASP A 195 8.50 -23.70 2.50
C ASP A 195 8.61 -22.97 3.83
N ARG A 196 9.11 -21.74 3.81
CA ARG A 196 9.25 -20.95 5.03
C ARG A 196 7.92 -20.70 5.71
N LEU A 197 6.84 -20.76 4.94
CA LEU A 197 5.50 -20.54 5.49
C LEU A 197 4.97 -21.76 6.24
N ALA A 198 5.54 -22.93 5.96
CA ALA A 198 5.11 -24.15 6.61
C ALA A 198 5.38 -24.09 8.12
N ALA A 199 6.34 -23.25 8.52
CA ALA A 199 6.69 -23.12 9.92
C ALA A 199 5.51 -22.63 10.75
N TYR A 200 4.53 -22.01 10.11
CA TYR A 200 3.36 -21.49 10.81
C TYR A 200 2.19 -22.45 10.86
N LYS A 201 1.90 -22.95 12.05
CA LYS A 201 0.79 -23.88 12.21
C LYS A 201 -0.52 -23.20 12.58
N ASP A 202 -0.60 -22.74 13.82
CA ASP A 202 -1.81 -22.10 14.33
C ASP A 202 -1.83 -20.58 14.13
N VAL A 203 -2.02 -20.16 12.88
CA VAL A 203 -2.07 -18.74 12.54
C VAL A 203 -3.04 -18.54 11.39
N ASP A 204 -3.61 -17.34 11.29
CA ASP A 204 -4.51 -17.03 10.18
C ASP A 204 -3.64 -16.39 9.11
N VAL A 205 -3.92 -16.70 7.85
CA VAL A 205 -3.12 -16.15 6.76
C VAL A 205 -3.99 -15.48 5.71
N LEU A 206 -3.68 -14.23 5.40
CA LEU A 206 -4.42 -13.50 4.38
C LEU A 206 -3.44 -13.30 3.24
N CYS A 207 -3.90 -13.50 2.02
CA CYS A 207 -3.05 -13.31 0.86
C CYS A 207 -3.74 -12.36 -0.11
N PHE A 208 -3.12 -11.19 -0.30
CA PHE A 208 -3.68 -10.16 -1.18
C PHE A 208 -3.60 -10.53 -2.65
N ASP A 209 -4.76 -10.67 -3.30
CA ASP A 209 -4.78 -10.99 -4.72
C ASP A 209 -4.45 -9.71 -5.48
N HIS A 210 -3.90 -9.88 -6.68
CA HIS A 210 -3.61 -8.76 -7.57
C HIS A 210 -3.69 -9.29 -9.01
N ASP A 211 -4.86 -9.83 -9.33
CA ASP A 211 -5.12 -10.38 -10.66
C ASP A 211 -4.05 -11.39 -11.04
N ASN A 212 -3.74 -12.29 -10.11
CA ASN A 212 -2.70 -13.29 -10.35
C ASN A 212 -3.21 -14.70 -10.07
N SER A 213 -4.41 -14.99 -10.56
CA SER A 213 -5.03 -16.30 -10.37
C SER A 213 -4.15 -17.42 -10.92
N LYS A 214 -3.56 -17.21 -12.09
CA LYS A 214 -2.70 -18.21 -12.70
C LYS A 214 -1.60 -18.62 -11.72
N ASP A 215 -1.02 -17.64 -11.04
CA ASP A 215 0.04 -17.91 -10.07
C ASP A 215 -0.50 -18.57 -8.81
N MET A 216 -1.62 -18.05 -8.30
CA MET A 216 -2.21 -18.62 -7.10
C MET A 216 -2.60 -20.08 -7.34
N ASP A 217 -3.07 -20.37 -8.55
CA ASP A 217 -3.48 -21.73 -8.90
C ASP A 217 -2.26 -22.64 -8.93
N ALA A 218 -1.21 -22.17 -9.60
CA ALA A 218 0.03 -22.94 -9.70
C ALA A 218 0.56 -23.23 -8.30
N LEU A 219 0.48 -22.25 -7.42
CA LEU A 219 0.96 -22.41 -6.04
C LEU A 219 0.14 -23.46 -5.30
N MET A 220 -1.17 -23.24 -5.25
CA MET A 220 -2.08 -24.13 -4.54
C MET A 220 -2.14 -25.56 -5.06
N ALA A 221 -1.52 -25.81 -6.21
CA ALA A 221 -1.53 -27.16 -6.78
C ALA A 221 -0.35 -27.98 -6.25
N THR A 222 0.66 -27.29 -5.72
CA THR A 222 1.83 -27.97 -5.19
C THR A 222 1.46 -28.77 -3.95
N PRO A 223 2.08 -29.94 -3.75
CA PRO A 223 1.73 -30.72 -2.56
C PRO A 223 2.11 -29.91 -1.31
N LEU A 224 3.18 -29.14 -1.43
CA LEU A 224 3.65 -28.33 -0.32
C LEU A 224 2.53 -27.43 0.18
N TRP A 225 1.92 -26.69 -0.74
CA TRP A 225 0.85 -25.78 -0.34
C TRP A 225 -0.30 -26.55 0.32
N GLN A 226 -0.65 -27.69 -0.27
CA GLN A 226 -1.74 -28.50 0.25
C GLN A 226 -1.37 -29.08 1.62
N ALA A 227 -0.08 -29.25 1.85
CA ALA A 227 0.40 -29.79 3.11
C ALA A 227 0.53 -28.70 4.16
N MET A 228 0.56 -27.46 3.70
CA MET A 228 0.68 -26.30 4.60
C MET A 228 -0.27 -26.43 5.78
N PRO A 229 0.27 -26.46 7.01
CA PRO A 229 -0.58 -26.59 8.20
C PRO A 229 -1.73 -25.59 8.29
N PHE A 230 -1.46 -24.30 8.06
CA PHE A 230 -2.56 -23.34 8.14
C PHE A 230 -3.58 -23.57 7.02
N VAL A 231 -3.13 -24.14 5.90
CA VAL A 231 -4.06 -24.43 4.81
C VAL A 231 -4.99 -25.55 5.29
N ARG A 232 -4.38 -26.69 5.65
CA ARG A 232 -5.15 -27.83 6.13
C ARG A 232 -6.01 -27.43 7.32
N ALA A 233 -5.51 -26.50 8.13
CA ALA A 233 -6.26 -26.05 9.30
C ALA A 233 -7.42 -25.15 8.88
N GLY A 234 -7.48 -24.81 7.60
CA GLY A 234 -8.54 -23.95 7.09
C GLY A 234 -8.37 -22.50 7.51
N ARG A 235 -7.12 -22.05 7.66
CA ARG A 235 -6.80 -20.69 8.09
C ARG A 235 -6.30 -19.79 6.98
N PHE A 236 -6.34 -20.25 5.73
CA PHE A 236 -5.84 -19.44 4.63
C PHE A 236 -6.99 -18.77 3.88
N GLN A 237 -6.81 -17.49 3.58
CA GLN A 237 -7.82 -16.72 2.85
C GLN A 237 -7.19 -15.77 1.84
N ARG A 238 -7.72 -15.77 0.62
CA ARG A 238 -7.25 -14.84 -0.38
C ARG A 238 -8.14 -13.63 -0.20
N VAL A 239 -7.57 -12.44 -0.31
CA VAL A 239 -8.36 -11.22 -0.14
C VAL A 239 -8.03 -10.23 -1.23
N PRO A 240 -8.90 -9.21 -1.42
CA PRO A 240 -8.66 -8.21 -2.47
C PRO A 240 -7.35 -7.45 -2.28
N ALA A 241 -6.84 -6.91 -3.37
CA ALA A 241 -5.61 -6.14 -3.35
C ALA A 241 -5.73 -4.92 -2.46
N VAL A 242 -4.64 -4.60 -1.78
CA VAL A 242 -4.55 -3.44 -0.90
C VAL A 242 -3.10 -3.02 -1.11
N TRP A 243 -2.86 -1.73 -1.38
CA TRP A 243 -1.50 -1.29 -1.61
C TRP A 243 -0.74 -1.35 -0.28
N PHE A 244 0.35 -2.10 -0.27
CA PHE A 244 1.13 -2.27 0.95
C PHE A 244 2.03 -1.09 1.25
N TYR A 245 2.29 -0.25 0.26
CA TYR A 245 3.19 0.87 0.45
C TYR A 245 2.50 2.23 0.30
N GLY A 246 1.22 2.27 0.66
CA GLY A 246 0.47 3.50 0.55
C GLY A 246 0.46 4.34 1.81
N ALA A 247 -0.64 5.01 2.05
CA ALA A 247 -0.78 5.86 3.20
C ALA A 247 -2.08 5.55 3.91
N THR A 248 -2.76 6.58 4.40
CA THR A 248 -4.00 6.37 5.15
C THR A 248 -5.15 5.74 4.38
N LEU A 249 -5.25 6.03 3.08
CA LEU A 249 -6.32 5.42 2.31
C LEU A 249 -6.07 3.92 2.22
N SER A 250 -4.82 3.53 2.01
CA SER A 250 -4.51 2.11 1.92
C SER A 250 -4.78 1.43 3.26
N ALA A 251 -4.42 2.11 4.35
CA ALA A 251 -4.64 1.57 5.69
C ALA A 251 -6.12 1.32 5.91
N MET A 252 -6.94 2.30 5.58
CA MET A 252 -8.39 2.14 5.75
C MET A 252 -8.91 1.02 4.85
N HIS A 253 -8.32 0.90 3.66
CA HIS A 253 -8.74 -0.14 2.74
C HIS A 253 -8.39 -1.48 3.40
N PHE A 254 -7.23 -1.53 4.06
CA PHE A 254 -6.81 -2.75 4.73
C PHE A 254 -7.81 -3.16 5.81
N VAL A 255 -8.25 -2.19 6.61
CA VAL A 255 -9.20 -2.47 7.67
C VAL A 255 -10.51 -3.06 7.13
N ARG A 256 -10.95 -2.57 5.97
CA ARG A 256 -12.18 -3.08 5.37
C ARG A 256 -11.96 -4.54 4.98
N VAL A 257 -10.86 -4.80 4.28
CA VAL A 257 -10.51 -6.15 3.86
C VAL A 257 -10.29 -7.04 5.08
N LEU A 258 -9.58 -6.51 6.08
CA LEU A 258 -9.29 -7.25 7.31
C LEU A 258 -10.60 -7.67 7.96
N ASP A 259 -11.52 -6.72 8.07
CA ASP A 259 -12.81 -6.95 8.69
C ASP A 259 -13.57 -8.08 7.99
N ASN A 260 -13.71 -7.97 6.68
CA ASN A 260 -14.42 -8.99 5.93
C ASN A 260 -13.77 -10.35 6.08
N ALA A 261 -12.45 -10.37 6.16
CA ALA A 261 -11.71 -11.63 6.28
C ALA A 261 -11.79 -12.28 7.67
N ILE A 262 -11.57 -11.51 8.72
CA ILE A 262 -11.59 -12.08 10.07
C ILE A 262 -12.41 -11.33 11.11
N GLY A 263 -13.11 -10.28 10.69
CA GLY A 263 -13.91 -9.53 11.65
C GLY A 263 -15.09 -10.31 12.16
#